data_3LIW
#
_entry.id   3LIW
#
_cell.length_a   56.480
_cell.length_b   72.510
_cell.length_c   78.330
_cell.angle_alpha   90.00
_cell.angle_beta   90.00
_cell.angle_gamma   90.00
#
_symmetry.space_group_name_H-M   'P 21 21 21'
#
loop_
_entity.id
_entity.type
_entity.pdbx_description
1 polymer 'Activated factor Xa heavy chain'
2 polymer 'Factor X light chain'
3 non-polymer 'CALCIUM ION'
4 non-polymer (R)-2-(3-ADAMANTAN-1-YL-UREIDO)-3-(3-CARBAMIMIDOYL-PHENYL)-N-PHENETHYL-PROPIONAMIDE
5 water water
#
loop_
_entity_poly.entity_id
_entity_poly.type
_entity_poly.pdbx_seq_one_letter_code
_entity_poly.pdbx_strand_id
1 'polypeptide(L)'
;IVGGQECKDGECPWQALLINEENEGFCGGTILSEFYILTAAHCLYQAKRFKVRVGDRNTEQEEGGEAVHEVEVVIKHNRF
TKETYDFDIAVLRLKTPITFRMNVAPACLPERDWAESTLMTQKTGIVSGFGRTHEKGRQSTRLKMLEVPYVDRNSCKLSS
SFIITQNMFCAGYDTKQEDACQGDSGGPHVTRFKDTYFVTGIVSWGEGCARKGKYGIYTKVTAFLKWIDRSMKT
;
A
2 'polypeptide(L)' LCSLDNGDCDQFCHEEQNSVVCSCARGYTLADNGKACIPTGPYPCGKQTLE B
#
# COMPACT_ATOMS: atom_id res chain seq x y z
N ILE A 1 5.82 -5.37 11.42
CA ILE A 1 6.26 -3.98 11.65
C ILE A 1 7.10 -3.89 12.94
N VAL A 2 8.34 -3.47 12.78
CA VAL A 2 9.21 -3.34 13.93
C VAL A 2 9.03 -1.96 14.54
N GLY A 3 8.74 -1.93 15.84
CA GLY A 3 8.56 -0.67 16.55
C GLY A 3 7.61 0.34 15.94
N GLY A 4 6.49 -0.11 15.42
CA GLY A 4 5.58 0.86 14.84
C GLY A 4 4.54 1.30 15.86
N GLN A 5 3.29 1.15 15.49
CA GLN A 5 2.17 1.49 16.34
C GLN A 5 1.04 0.56 15.94
N GLU A 6 0.16 0.26 16.88
CA GLU A 6 -0.96 -0.63 16.60
C GLU A 6 -2.01 0.14 15.81
N CYS A 7 -2.57 -0.45 14.75
CA CYS A 7 -3.59 0.24 13.99
C CYS A 7 -4.84 0.31 14.86
N LYS A 8 -5.24 1.52 15.23
CA LYS A 8 -6.42 1.66 16.05
C LYS A 8 -7.63 1.48 15.17
N ASP A 9 -8.80 1.36 15.79
CA ASP A 9 -10.03 1.13 15.04
C ASP A 9 -10.28 2.07 13.85
N GLY A 10 -10.46 1.47 12.68
CA GLY A 10 -10.72 2.22 11.46
C GLY A 10 -9.55 2.97 10.85
N GLU A 11 -8.35 2.80 11.39
CA GLU A 11 -7.17 3.50 10.88
C GLU A 11 -6.45 2.91 9.66
N CYS A 12 -6.49 1.59 9.51
CA CYS A 12 -5.81 0.95 8.38
C CYS A 12 -6.79 0.06 7.61
N PRO A 13 -7.89 0.66 7.12
CA PRO A 13 -8.95 -0.02 6.37
C PRO A 13 -8.54 -0.79 5.12
N TRP A 14 -7.56 -0.25 4.41
CA TRP A 14 -7.08 -0.84 3.17
C TRP A 14 -6.20 -2.06 3.30
N GLN A 15 -5.86 -2.43 4.53
CA GLN A 15 -5.01 -3.59 4.76
C GLN A 15 -5.73 -4.91 4.47
N ALA A 16 -5.03 -5.79 3.78
CA ALA A 16 -5.54 -7.12 3.45
C ALA A 16 -4.47 -8.10 3.93
N LEU A 17 -4.91 -9.30 4.29
CA LEU A 17 -3.99 -10.34 4.76
C LEU A 17 -4.17 -11.64 3.97
N LEU A 18 -3.10 -12.10 3.35
CA LEU A 18 -3.15 -13.34 2.59
C LEU A 18 -2.91 -14.44 3.61
N ILE A 19 -3.80 -15.43 3.64
CA ILE A 19 -3.71 -16.53 4.58
C ILE A 19 -3.59 -17.87 3.87
N ASN A 20 -2.75 -18.76 4.40
CA ASN A 20 -2.55 -20.07 3.80
C ASN A 20 -3.66 -21.05 4.19
N GLU A 21 -3.49 -22.32 3.81
CA GLU A 21 -4.48 -23.35 4.10
C GLU A 21 -4.72 -23.54 5.59
N GLU A 22 -3.74 -23.14 6.39
CA GLU A 22 -3.81 -23.27 7.84
C GLU A 22 -4.39 -21.99 8.46
N ASN A 23 -4.88 -21.09 7.61
CA ASN A 23 -5.44 -19.82 8.04
C ASN A 23 -4.44 -18.91 8.76
N GLU A 24 -3.18 -19.05 8.37
CA GLU A 24 -2.10 -18.25 8.96
C GLU A 24 -1.71 -17.18 7.94
N GLY A 25 -1.56 -15.95 8.42
CA GLY A 25 -1.17 -14.86 7.53
C GLY A 25 0.30 -14.98 7.18
N PHE A 26 0.63 -14.79 5.91
CA PHE A 26 2.03 -14.89 5.50
C PHE A 26 2.47 -13.69 4.67
N CYS A 27 1.51 -12.88 4.24
CA CYS A 27 1.78 -11.69 3.45
C CYS A 27 0.59 -10.73 3.54
N GLY A 28 0.83 -9.47 3.23
CA GLY A 28 -0.24 -8.49 3.27
C GLY A 28 -0.66 -8.09 1.87
N GLY A 29 -1.62 -7.18 1.79
CA GLY A 29 -2.07 -6.72 0.49
C GLY A 29 -2.80 -5.42 0.71
N THR A 30 -3.08 -4.72 -0.38
CA THR A 30 -3.81 -3.46 -0.27
C THR A 30 -5.12 -3.57 -1.04
N ILE A 31 -6.23 -3.19 -0.40
CA ILE A 31 -7.51 -3.25 -1.06
C ILE A 31 -7.59 -2.08 -2.04
N LEU A 32 -7.80 -2.39 -3.32
CA LEU A 32 -7.90 -1.34 -4.36
C LEU A 32 -9.36 -1.07 -4.75
N SER A 33 -10.20 -2.09 -4.64
CA SER A 33 -11.61 -1.96 -4.97
C SER A 33 -12.32 -3.17 -4.41
N GLU A 34 -13.64 -3.26 -4.56
CA GLU A 34 -14.36 -4.39 -4.02
C GLU A 34 -13.90 -5.75 -4.57
N PHE A 35 -13.34 -5.75 -5.79
CA PHE A 35 -12.86 -6.98 -6.45
C PHE A 35 -11.35 -7.14 -6.58
N TYR A 36 -10.58 -6.09 -6.37
CA TYR A 36 -9.13 -6.18 -6.54
C TYR A 36 -8.21 -5.93 -5.34
N ILE A 37 -7.19 -6.78 -5.23
CA ILE A 37 -6.22 -6.67 -4.15
C ILE A 37 -4.81 -6.53 -4.76
N LEU A 38 -4.00 -5.65 -4.18
CA LEU A 38 -2.63 -5.42 -4.64
C LEU A 38 -1.67 -6.11 -3.67
N THR A 39 -0.70 -6.85 -4.19
CA THR A 39 0.27 -7.52 -3.31
C THR A 39 1.62 -7.70 -4.03
N ALA A 40 2.57 -8.34 -3.35
CA ALA A 40 3.88 -8.57 -3.94
C ALA A 40 3.88 -9.88 -4.70
N ALA A 41 4.49 -9.90 -5.87
CA ALA A 41 4.55 -11.11 -6.69
C ALA A 41 5.31 -12.23 -5.99
N HIS A 42 6.31 -11.88 -5.18
CA HIS A 42 7.08 -12.89 -4.49
C HIS A 42 6.29 -13.64 -3.43
N CYS A 43 5.20 -13.02 -2.96
CA CYS A 43 4.34 -13.62 -1.96
C CYS A 43 3.59 -14.83 -2.53
N LEU A 44 3.46 -14.89 -3.85
CA LEU A 44 2.76 -16.00 -4.49
C LEU A 44 3.54 -17.31 -4.39
N TYR A 45 4.79 -17.22 -3.97
CA TYR A 45 5.64 -18.40 -3.84
C TYR A 45 5.73 -18.80 -2.37
N GLN A 46 5.08 -18.01 -1.52
CA GLN A 46 5.09 -18.27 -0.07
C GLN A 46 4.01 -19.28 0.31
N ALA A 47 3.10 -19.57 -0.62
CA ALA A 47 2.02 -20.52 -0.35
C ALA A 47 1.39 -21.01 -1.65
N LYS A 48 0.91 -22.26 -1.63
CA LYS A 48 0.27 -22.86 -2.79
C LYS A 48 -1.16 -22.34 -2.93
N ARG A 49 -1.99 -22.67 -1.94
CA ARG A 49 -3.38 -22.23 -1.93
C ARG A 49 -3.53 -21.21 -0.81
N PHE A 50 -4.13 -20.06 -1.10
CA PHE A 50 -4.31 -19.02 -0.10
C PHE A 50 -5.57 -18.20 -0.35
N LYS A 51 -6.07 -17.56 0.71
CA LYS A 51 -7.24 -16.71 0.60
C LYS A 51 -6.91 -15.32 1.12
N VAL A 52 -7.87 -14.40 1.02
CA VAL A 52 -7.64 -13.05 1.48
C VAL A 52 -8.62 -12.60 2.54
N ARG A 53 -8.10 -12.24 3.70
CA ARG A 53 -8.93 -11.77 4.80
C ARG A 53 -8.86 -10.25 4.88
N VAL A 54 -10.01 -9.62 5.10
CA VAL A 54 -10.08 -8.17 5.24
C VAL A 54 -10.84 -7.82 6.51
N GLY A 55 -10.58 -6.65 7.06
CA GLY A 55 -11.25 -6.20 8.26
C GLY A 55 -10.70 -6.73 9.57
N ASP A 56 -9.58 -7.45 9.51
CA ASP A 56 -9.01 -8.02 10.72
C ASP A 56 -7.93 -7.11 11.31
N ARG A 57 -7.90 -7.01 12.63
CA ARG A 57 -6.90 -6.19 13.32
C ARG A 57 -6.17 -7.03 14.37
N ASN A 58 -6.82 -8.12 14.79
CA ASN A 58 -6.28 -9.03 15.80
C ASN A 58 -6.63 -10.45 15.38
N THR A 59 -5.61 -11.21 14.97
CA THR A 59 -5.81 -12.57 14.51
C THR A 59 -6.09 -13.60 15.60
N GLU A 60 -5.82 -13.25 16.86
CA GLU A 60 -6.07 -14.19 17.96
C GLU A 60 -7.51 -14.66 18.04
N GLN A 61 -8.45 -13.82 17.61
CA GLN A 61 -9.86 -14.19 17.66
C GLN A 61 -10.78 -13.35 16.77
N GLU A 62 -11.80 -14.00 16.22
CA GLU A 62 -12.76 -13.32 15.36
C GLU A 62 -13.64 -12.40 16.18
N GLU A 63 -13.73 -11.15 15.74
CA GLU A 63 -14.55 -10.16 16.45
C GLU A 63 -15.92 -10.06 15.78
N GLY A 64 -15.95 -10.33 14.48
CA GLY A 64 -17.19 -10.27 13.73
C GLY A 64 -17.12 -9.35 12.52
N GLY A 65 -16.05 -8.56 12.42
CA GLY A 65 -15.92 -7.66 11.30
C GLY A 65 -15.08 -8.15 10.15
N GLU A 66 -14.28 -9.19 10.40
CA GLU A 66 -13.42 -9.73 9.35
C GLU A 66 -14.21 -10.58 8.36
N ALA A 67 -13.68 -10.70 7.14
CA ALA A 67 -14.35 -11.47 6.09
C ALA A 67 -13.32 -12.10 5.16
N VAL A 68 -13.53 -13.36 4.80
CA VAL A 68 -12.61 -14.06 3.93
C VAL A 68 -13.12 -14.10 2.49
N HIS A 69 -12.21 -13.89 1.55
CA HIS A 69 -12.53 -13.90 0.13
C HIS A 69 -11.60 -14.81 -0.63
N GLU A 70 -12.16 -15.61 -1.53
CA GLU A 70 -11.35 -16.52 -2.34
C GLU A 70 -10.81 -15.75 -3.51
N VAL A 71 -9.66 -16.20 -4.01
CA VAL A 71 -9.01 -15.57 -5.15
C VAL A 71 -9.44 -16.27 -6.43
N GLU A 72 -9.99 -15.50 -7.36
CA GLU A 72 -10.42 -16.05 -8.62
C GLU A 72 -9.28 -16.08 -9.62
N VAL A 73 -8.59 -14.96 -9.75
CA VAL A 73 -7.46 -14.86 -10.68
C VAL A 73 -6.28 -14.17 -10.02
N VAL A 74 -5.08 -14.63 -10.35
CA VAL A 74 -3.87 -14.04 -9.82
C VAL A 74 -3.12 -13.50 -11.03
N ILE A 75 -2.84 -12.21 -11.02
CA ILE A 75 -2.15 -11.56 -12.12
C ILE A 75 -0.76 -11.12 -11.71
N LYS A 76 0.23 -11.94 -12.04
CA LYS A 76 1.61 -11.65 -11.70
C LYS A 76 2.34 -10.99 -12.85
N HIS A 77 3.14 -9.99 -12.54
CA HIS A 77 3.92 -9.29 -13.55
C HIS A 77 4.88 -10.33 -14.13
N ASN A 78 4.79 -10.54 -15.44
CA ASN A 78 5.63 -11.53 -16.11
C ASN A 78 7.12 -11.26 -15.98
N ARG A 79 7.50 -10.03 -15.64
CA ARG A 79 8.91 -9.70 -15.49
C ARG A 79 9.43 -9.86 -14.07
N PHE A 80 8.59 -10.36 -13.16
CA PHE A 80 9.05 -10.54 -11.79
C PHE A 80 10.31 -11.41 -11.82
N THR A 81 11.33 -11.00 -11.08
CA THR A 81 12.58 -11.76 -11.03
C THR A 81 12.89 -12.24 -9.62
N LYS A 82 12.77 -13.55 -9.42
CA LYS A 82 13.04 -14.16 -8.12
C LYS A 82 14.42 -13.77 -7.62
N GLU A 83 15.33 -13.53 -8.56
CA GLU A 83 16.71 -13.18 -8.25
C GLU A 83 16.85 -11.89 -7.46
N THR A 84 16.41 -10.79 -8.05
CA THR A 84 16.52 -9.47 -7.42
C THR A 84 15.24 -8.93 -6.80
N TYR A 85 14.11 -9.54 -7.11
CA TYR A 85 12.81 -9.09 -6.61
C TYR A 85 12.35 -7.84 -7.35
N ASP A 86 12.85 -7.67 -8.58
CA ASP A 86 12.48 -6.53 -9.40
C ASP A 86 11.10 -6.86 -9.96
N PHE A 87 10.29 -5.84 -10.19
CA PHE A 87 8.93 -6.04 -10.67
C PHE A 87 8.16 -6.89 -9.67
N ASP A 88 8.30 -6.58 -8.38
CA ASP A 88 7.61 -7.33 -7.32
C ASP A 88 6.20 -6.79 -7.17
N ILE A 89 5.30 -7.26 -8.01
CA ILE A 89 3.93 -6.78 -7.98
C ILE A 89 2.95 -7.79 -8.55
N ALA A 90 1.78 -7.86 -7.94
CA ALA A 90 0.73 -8.77 -8.38
C ALA A 90 -0.60 -8.15 -8.01
N VAL A 91 -1.62 -8.47 -8.80
CA VAL A 91 -2.97 -8.00 -8.53
C VAL A 91 -3.82 -9.24 -8.40
N LEU A 92 -4.75 -9.22 -7.45
CA LEU A 92 -5.62 -10.35 -7.20
C LEU A 92 -7.06 -9.96 -7.47
N ARG A 93 -7.76 -10.83 -8.17
CA ARG A 93 -9.17 -10.64 -8.50
C ARG A 93 -9.90 -11.62 -7.59
N LEU A 94 -10.82 -11.12 -6.77
CA LEU A 94 -11.55 -12.00 -5.86
C LEU A 94 -12.83 -12.56 -6.48
N LYS A 95 -13.26 -13.73 -6.01
CA LYS A 95 -14.48 -14.35 -6.52
C LYS A 95 -15.75 -13.60 -6.09
N THR A 96 -15.74 -13.05 -4.89
CA THR A 96 -16.87 -12.31 -4.38
C THR A 96 -16.37 -10.91 -3.97
N PRO A 97 -17.16 -9.87 -4.25
CA PRO A 97 -16.76 -8.49 -3.91
C PRO A 97 -16.69 -8.18 -2.42
N ILE A 98 -15.70 -7.38 -2.05
CA ILE A 98 -15.51 -6.96 -0.66
C ILE A 98 -16.63 -6.01 -0.24
N THR A 99 -17.09 -6.16 0.99
CA THR A 99 -18.12 -5.29 1.51
C THR A 99 -17.42 -4.21 2.34
N PHE A 100 -17.46 -2.98 1.88
CA PHE A 100 -16.80 -1.92 2.62
C PHE A 100 -17.59 -1.67 3.90
N ARG A 101 -16.86 -1.36 4.96
CA ARG A 101 -17.44 -1.10 6.27
C ARG A 101 -16.33 -0.67 7.20
N MET A 102 -16.60 -0.65 8.49
CA MET A 102 -15.60 -0.27 9.47
C MET A 102 -14.38 -1.17 9.29
N ASN A 103 -13.21 -0.57 9.15
CA ASN A 103 -11.98 -1.32 8.97
C ASN A 103 -11.85 -1.97 7.60
N VAL A 104 -12.81 -1.73 6.71
CA VAL A 104 -12.73 -2.30 5.37
C VAL A 104 -13.05 -1.24 4.31
N ALA A 105 -12.01 -0.72 3.67
CA ALA A 105 -12.18 0.28 2.62
C ALA A 105 -10.91 0.31 1.77
N PRO A 106 -11.04 0.66 0.48
CA PRO A 106 -9.85 0.70 -0.40
C PRO A 106 -8.99 1.95 -0.28
N ALA A 107 -7.74 1.84 -0.69
CA ALA A 107 -6.86 2.98 -0.70
C ALA A 107 -7.04 3.53 -2.11
N CYS A 108 -6.71 4.80 -2.32
CA CYS A 108 -6.86 5.39 -3.64
C CYS A 108 -5.64 5.16 -4.52
N LEU A 109 -5.90 4.97 -5.80
CA LEU A 109 -4.82 4.82 -6.77
C LEU A 109 -4.62 6.24 -7.32
N PRO A 110 -3.37 6.73 -7.29
CA PRO A 110 -3.08 8.06 -7.79
C PRO A 110 -2.67 8.03 -9.26
N GLU A 111 -2.55 9.20 -9.86
CA GLU A 111 -2.10 9.32 -11.25
C GLU A 111 -0.59 9.36 -11.11
N ARG A 112 0.12 8.94 -12.15
CA ARG A 112 1.58 8.91 -12.11
C ARG A 112 2.32 10.23 -11.82
N ASP A 113 2.22 11.21 -12.73
CA ASP A 113 2.94 12.46 -12.54
C ASP A 113 2.65 13.13 -11.21
N TRP A 114 1.37 13.25 -10.87
CA TRP A 114 0.97 13.87 -9.62
C TRP A 114 1.58 13.13 -8.42
N ALA A 115 1.47 11.81 -8.42
CA ALA A 115 2.00 11.01 -7.32
C ALA A 115 3.49 11.25 -7.13
N GLU A 116 4.24 11.29 -8.23
CA GLU A 116 5.68 11.48 -8.18
C GLU A 116 6.11 12.84 -7.70
N SER A 117 5.39 13.87 -8.10
CA SER A 117 5.73 15.22 -7.69
C SER A 117 5.08 15.66 -6.39
N THR A 118 3.93 15.07 -6.06
CA THR A 118 3.22 15.46 -4.85
C THR A 118 3.20 14.44 -3.70
N LEU A 119 3.22 13.15 -4.03
CA LEU A 119 3.20 12.10 -3.02
C LEU A 119 4.60 11.61 -2.61
N MET A 120 5.40 11.20 -3.59
CA MET A 120 6.75 10.69 -3.32
C MET A 120 7.60 11.83 -2.77
N THR A 121 7.16 13.06 -3.02
CA THR A 121 7.90 14.23 -2.59
C THR A 121 7.60 14.57 -1.14
N GLN A 122 6.61 13.89 -0.59
CA GLN A 122 6.18 14.08 0.80
C GLN A 122 7.34 13.71 1.70
N LYS A 123 7.23 14.05 2.98
CA LYS A 123 8.27 13.72 3.94
C LYS A 123 8.21 12.26 4.34
N THR A 124 7.00 11.74 4.49
CA THR A 124 6.84 10.37 4.91
C THR A 124 5.66 9.64 4.29
N GLY A 125 5.62 8.33 4.55
CA GLY A 125 4.54 7.48 4.07
C GLY A 125 4.17 6.57 5.22
N ILE A 126 3.14 5.74 5.05
CA ILE A 126 2.74 4.83 6.12
C ILE A 126 2.73 3.39 5.61
N VAL A 127 3.38 2.50 6.36
CA VAL A 127 3.42 1.09 6.01
C VAL A 127 2.71 0.34 7.15
N SER A 128 2.08 -0.78 6.83
CA SER A 128 1.37 -1.54 7.85
C SER A 128 1.39 -3.03 7.54
N GLY A 129 1.15 -3.85 8.56
CA GLY A 129 1.15 -5.28 8.37
C GLY A 129 1.12 -6.08 9.67
N PHE A 130 0.94 -7.39 9.51
CA PHE A 130 0.90 -8.33 10.62
C PHE A 130 2.23 -9.06 10.72
N GLY A 131 3.25 -8.51 10.07
CA GLY A 131 4.57 -9.13 10.09
C GLY A 131 5.30 -9.08 11.42
N ARG A 132 6.51 -9.63 11.42
CA ARG A 132 7.36 -9.69 12.60
C ARG A 132 7.58 -8.34 13.29
N THR A 133 7.58 -8.36 14.61
CA THR A 133 7.80 -7.18 15.43
C THR A 133 9.29 -6.99 15.64
N HIS A 134 10.05 -8.05 15.32
CA HIS A 134 11.50 -8.06 15.43
C HIS A 134 12.01 -9.02 14.38
N GLU A 135 13.25 -8.81 13.93
CA GLU A 135 13.83 -9.65 12.89
C GLU A 135 13.68 -11.14 13.15
N LYS A 136 14.02 -11.59 14.35
CA LYS A 136 13.93 -13.01 14.67
C LYS A 136 12.60 -13.48 15.25
N GLY A 137 11.83 -12.55 15.82
CA GLY A 137 10.55 -12.92 16.41
C GLY A 137 9.52 -13.54 15.50
N ARG A 138 8.30 -13.71 16.02
CA ARG A 138 7.20 -14.27 15.25
C ARG A 138 6.30 -13.19 14.68
N GLN A 139 5.41 -13.57 13.76
CA GLN A 139 4.50 -12.62 13.15
C GLN A 139 3.57 -11.99 14.17
N SER A 140 3.36 -10.69 14.03
CA SER A 140 2.50 -9.94 14.95
C SER A 140 1.05 -10.43 14.88
N THR A 141 0.42 -10.52 16.05
CA THR A 141 -0.96 -10.97 16.13
C THR A 141 -1.91 -9.79 15.97
N ARG A 142 -1.35 -8.58 16.12
CA ARG A 142 -2.11 -7.34 16.01
C ARG A 142 -1.63 -6.59 14.76
N LEU A 143 -2.53 -5.86 14.11
CA LEU A 143 -2.13 -5.10 12.93
C LEU A 143 -1.39 -3.85 13.39
N LYS A 144 -0.23 -3.61 12.79
CA LYS A 144 0.58 -2.46 13.13
C LYS A 144 0.82 -1.57 11.91
N MET A 145 1.14 -0.30 12.17
CA MET A 145 1.43 0.68 11.14
C MET A 145 2.66 1.46 11.56
N LEU A 146 3.40 1.98 10.59
CA LEU A 146 4.62 2.71 10.89
C LEU A 146 4.81 3.85 9.89
N GLU A 147 5.13 5.03 10.39
CA GLU A 147 5.35 6.18 9.53
C GLU A 147 6.82 6.10 9.15
N VAL A 148 7.10 5.90 7.87
CA VAL A 148 8.49 5.79 7.41
C VAL A 148 8.86 6.90 6.47
N PRO A 149 9.94 7.63 6.80
CA PRO A 149 10.40 8.74 5.97
C PRO A 149 10.82 8.28 4.58
N TYR A 150 10.60 9.12 3.58
CA TYR A 150 11.03 8.78 2.24
C TYR A 150 12.53 8.91 2.29
N VAL A 151 13.24 7.99 1.66
CA VAL A 151 14.69 8.04 1.67
C VAL A 151 15.29 8.45 0.35
N ASP A 152 16.14 9.49 0.39
CA ASP A 152 16.81 10.01 -0.81
C ASP A 152 17.17 8.82 -1.68
N ARG A 153 16.87 8.92 -2.97
CA ARG A 153 17.13 7.83 -3.89
C ARG A 153 18.59 7.39 -3.98
N ASN A 154 19.51 8.34 -4.07
CA ASN A 154 20.92 8.00 -4.17
C ASN A 154 21.47 7.59 -2.80
N SER A 155 20.94 8.22 -1.76
CA SER A 155 21.38 7.89 -0.41
C SER A 155 21.01 6.43 -0.14
N CYS A 156 20.03 5.91 -0.87
CA CYS A 156 19.62 4.52 -0.67
C CYS A 156 20.58 3.56 -1.37
N LYS A 157 20.89 3.85 -2.63
CA LYS A 157 21.77 3.02 -3.42
C LYS A 157 23.09 2.79 -2.66
N LEU A 158 23.58 3.84 -2.01
CA LEU A 158 24.82 3.74 -1.26
C LEU A 158 24.75 2.73 -0.11
N SER A 159 23.62 2.73 0.60
CA SER A 159 23.44 1.82 1.74
C SER A 159 23.13 0.38 1.37
N SER A 160 22.64 0.15 0.15
CA SER A 160 22.27 -1.19 -0.27
C SER A 160 23.39 -2.07 -0.81
N SER A 161 23.31 -3.36 -0.49
CA SER A 161 24.26 -4.34 -0.94
C SER A 161 23.73 -4.91 -2.24
N PHE A 162 22.46 -4.64 -2.50
CA PHE A 162 21.79 -5.12 -3.70
C PHE A 162 21.33 -3.93 -4.53
N ILE A 163 21.29 -4.11 -5.85
CA ILE A 163 20.90 -3.05 -6.76
C ILE A 163 19.45 -2.58 -6.62
N ILE A 164 19.28 -1.26 -6.52
CA ILE A 164 17.97 -0.64 -6.38
C ILE A 164 17.50 -0.19 -7.77
N THR A 165 16.60 -0.96 -8.37
CA THR A 165 16.08 -0.64 -9.70
C THR A 165 15.09 0.51 -9.64
N GLN A 166 14.74 1.05 -10.80
CA GLN A 166 13.77 2.15 -10.85
C GLN A 166 12.37 1.73 -10.46
N ASN A 167 12.16 0.42 -10.30
CA ASN A 167 10.86 -0.08 -9.90
C ASN A 167 10.84 -0.24 -8.39
N MET A 168 11.84 0.36 -7.74
CA MET A 168 11.95 0.29 -6.29
C MET A 168 12.21 1.66 -5.70
N PHE A 169 11.83 1.83 -4.44
CA PHE A 169 12.08 3.07 -3.73
C PHE A 169 12.35 2.66 -2.29
N CYS A 170 12.98 3.53 -1.51
CA CYS A 170 13.31 3.19 -0.13
C CYS A 170 12.68 4.12 0.90
N ALA A 171 12.29 3.55 2.03
CA ALA A 171 11.68 4.31 3.12
C ALA A 171 12.15 3.71 4.43
N GLY A 172 12.17 4.53 5.47
CA GLY A 172 12.61 4.01 6.75
C GLY A 172 13.63 4.89 7.44
N TYR A 173 14.44 4.28 8.30
CA TYR A 173 15.43 5.00 9.07
C TYR A 173 16.80 4.34 8.95
N ASP A 174 17.84 5.14 9.16
CA ASP A 174 19.20 4.65 9.09
C ASP A 174 19.53 3.77 10.31
N THR A 175 19.35 4.33 11.50
CA THR A 175 19.65 3.60 12.73
C THR A 175 18.40 3.30 13.56
N LYS A 176 17.54 4.31 13.72
CA LYS A 176 16.31 4.14 14.49
C LYS A 176 15.72 2.75 14.21
N GLN A 177 15.31 2.07 15.27
CA GLN A 177 14.76 0.72 15.16
C GLN A 177 13.28 0.62 14.77
N GLU A 178 12.96 1.07 13.56
CA GLU A 178 11.61 1.01 13.05
C GLU A 178 11.71 0.66 11.57
N ASP A 179 10.88 -0.27 11.11
CA ASP A 179 10.94 -0.71 9.73
C ASP A 179 9.90 -1.81 9.53
N ALA A 180 9.60 -2.15 8.29
CA ALA A 180 8.67 -3.23 8.03
C ALA A 180 9.55 -4.47 8.15
N CYS A 181 8.96 -5.66 8.10
CA CYS A 181 9.74 -6.86 8.21
C CYS A 181 9.03 -8.06 7.56
N GLN A 182 9.61 -9.24 7.70
CA GLN A 182 9.03 -10.46 7.13
C GLN A 182 7.57 -10.57 7.53
N GLY A 183 6.70 -10.82 6.57
CA GLY A 183 5.29 -10.95 6.87
C GLY A 183 4.49 -9.73 6.47
N ASP A 184 5.15 -8.58 6.35
CA ASP A 184 4.47 -7.36 5.94
C ASP A 184 4.50 -7.30 4.42
N SER A 185 5.38 -8.11 3.84
CA SER A 185 5.55 -8.21 2.40
C SER A 185 4.23 -8.22 1.64
N GLY A 186 4.15 -7.40 0.59
CA GLY A 186 2.94 -7.31 -0.21
C GLY A 186 1.97 -6.29 0.37
N GLY A 187 2.23 -5.89 1.62
CA GLY A 187 1.36 -4.95 2.31
C GLY A 187 1.37 -3.52 1.80
N PRO A 188 0.48 -2.67 2.35
CA PRO A 188 0.36 -1.28 1.94
C PRO A 188 1.41 -0.27 2.39
N HIS A 189 1.82 0.55 1.44
CA HIS A 189 2.69 1.66 1.73
C HIS A 189 1.81 2.77 1.13
N VAL A 190 1.21 3.56 1.99
CA VAL A 190 0.35 4.63 1.53
C VAL A 190 0.90 5.99 1.97
N THR A 191 0.63 7.01 1.17
CA THR A 191 1.07 8.35 1.46
C THR A 191 -0.18 9.20 1.64
N ARG A 192 -0.22 9.95 2.73
CA ARG A 192 -1.35 10.80 3.06
C ARG A 192 -1.25 12.15 2.38
N PHE A 193 -2.38 12.66 1.94
CA PHE A 193 -2.44 13.97 1.33
C PHE A 193 -3.78 14.64 1.61
N LYS A 194 -3.78 15.61 2.53
CA LYS A 194 -5.01 16.29 2.92
C LYS A 194 -6.05 15.28 3.43
N ASP A 195 -5.62 14.42 4.34
CA ASP A 195 -6.50 13.42 4.93
C ASP A 195 -7.03 12.35 3.98
N THR A 196 -6.36 12.16 2.84
CA THR A 196 -6.75 11.13 1.88
C THR A 196 -5.51 10.29 1.58
N TYR A 197 -5.62 8.97 1.76
CA TYR A 197 -4.50 8.08 1.54
C TYR A 197 -4.42 7.41 0.17
N PHE A 198 -3.27 7.56 -0.49
CA PHE A 198 -3.06 6.98 -1.82
C PHE A 198 -2.01 5.88 -1.77
N VAL A 199 -2.22 4.79 -2.51
CA VAL A 199 -1.27 3.69 -2.54
C VAL A 199 -0.01 4.18 -3.25
N THR A 200 1.15 4.04 -2.60
CA THR A 200 2.40 4.49 -3.21
C THR A 200 3.45 3.42 -3.28
N GLY A 201 3.33 2.38 -2.45
CA GLY A 201 4.31 1.33 -2.50
C GLY A 201 3.78 0.01 -2.01
N ILE A 202 4.57 -1.04 -2.24
CA ILE A 202 4.23 -2.38 -1.80
C ILE A 202 5.43 -2.88 -1.01
N VAL A 203 5.21 -3.36 0.22
CA VAL A 203 6.32 -3.87 1.02
C VAL A 203 6.99 -4.97 0.21
N SER A 204 8.24 -4.75 -0.18
CA SER A 204 8.94 -5.74 -0.99
C SER A 204 10.03 -6.52 -0.25
N TRP A 205 11.10 -5.85 0.18
CA TRP A 205 12.18 -6.55 0.87
C TRP A 205 13.11 -5.61 1.63
N GLY A 206 14.16 -6.21 2.19
CA GLY A 206 15.14 -5.46 2.93
C GLY A 206 16.18 -6.42 3.48
N GLU A 207 17.38 -5.91 3.73
CA GLU A 207 18.45 -6.75 4.29
C GLU A 207 18.17 -6.81 5.79
N GLY A 208 17.52 -7.89 6.21
CA GLY A 208 17.19 -8.03 7.61
C GLY A 208 16.04 -7.08 7.91
N CYS A 209 15.97 -6.61 9.14
CA CYS A 209 14.90 -5.69 9.52
C CYS A 209 15.38 -4.65 10.53
N ALA A 210 15.03 -3.39 10.27
CA ALA A 210 15.39 -2.29 11.13
C ALA A 210 16.90 -2.23 11.42
N ARG A 211 17.69 -2.74 10.49
CA ARG A 211 19.14 -2.75 10.64
C ARG A 211 19.77 -1.38 10.48
N LYS A 212 20.85 -1.14 11.24
CA LYS A 212 21.56 0.12 11.16
C LYS A 212 22.18 0.21 9.77
N GLY A 213 22.06 1.37 9.13
CA GLY A 213 22.62 1.54 7.81
C GLY A 213 21.83 0.85 6.70
N LYS A 214 20.62 0.40 7.03
CA LYS A 214 19.75 -0.26 6.06
C LYS A 214 18.33 0.30 6.08
N TYR A 215 17.70 0.32 4.91
CA TYR A 215 16.34 0.83 4.76
C TYR A 215 15.40 -0.25 4.24
N GLY A 216 14.09 -0.01 4.32
CA GLY A 216 13.15 -0.98 3.81
C GLY A 216 12.97 -0.69 2.33
N ILE A 217 12.88 -1.73 1.49
CA ILE A 217 12.72 -1.52 0.05
C ILE A 217 11.28 -1.81 -0.37
N TYR A 218 10.71 -0.90 -1.14
CA TYR A 218 9.34 -1.02 -1.60
C TYR A 218 9.25 -0.95 -3.12
N THR A 219 8.30 -1.69 -3.71
CA THR A 219 8.15 -1.62 -5.16
C THR A 219 7.41 -0.31 -5.44
N LYS A 220 7.93 0.46 -6.40
CA LYS A 220 7.37 1.76 -6.78
C LYS A 220 6.05 1.64 -7.56
N VAL A 221 4.93 1.81 -6.87
CA VAL A 221 3.62 1.67 -7.50
C VAL A 221 3.39 2.62 -8.68
N THR A 222 4.01 3.81 -8.66
CA THR A 222 3.84 4.77 -9.73
C THR A 222 4.38 4.26 -11.06
N ALA A 223 5.32 3.33 -11.00
CA ALA A 223 5.92 2.77 -12.21
C ALA A 223 5.04 1.66 -12.81
N PHE A 224 3.96 1.32 -12.13
CA PHE A 224 3.07 0.25 -12.58
C PHE A 224 1.59 0.62 -12.63
N LEU A 225 1.29 1.91 -12.61
CA LEU A 225 -0.10 2.35 -12.63
C LEU A 225 -0.87 1.89 -13.86
N LYS A 226 -0.26 1.99 -15.04
CA LYS A 226 -0.93 1.55 -16.25
C LYS A 226 -1.12 0.02 -16.14
N TRP A 227 -0.06 -0.67 -15.75
CA TRP A 227 -0.10 -2.12 -15.60
C TRP A 227 -1.24 -2.50 -14.66
N ILE A 228 -1.36 -1.77 -13.57
CA ILE A 228 -2.41 -2.05 -12.60
C ILE A 228 -3.76 -1.83 -13.28
N ASP A 229 -3.90 -0.71 -13.98
CA ASP A 229 -5.15 -0.40 -14.69
C ASP A 229 -5.57 -1.52 -15.62
N ARG A 230 -4.65 -1.96 -16.49
CA ARG A 230 -4.95 -3.03 -17.42
C ARG A 230 -5.36 -4.29 -16.67
N SER A 231 -4.68 -4.58 -15.56
CA SER A 231 -4.97 -5.76 -14.75
C SER A 231 -6.36 -5.71 -14.13
N MET A 232 -6.82 -4.52 -13.79
CA MET A 232 -8.14 -4.37 -13.18
C MET A 232 -9.26 -4.37 -14.22
N LYS A 233 -8.89 -4.48 -15.48
CA LYS A 233 -9.85 -4.50 -16.57
C LYS A 233 -10.01 -5.93 -17.08
N THR A 234 -9.07 -6.79 -16.71
CA THR A 234 -9.11 -8.19 -17.12
C THR A 234 -9.07 -9.12 -15.90
N LEU B 1 1.53 27.46 -9.95
CA LEU B 1 0.26 26.72 -10.27
C LEU B 1 0.11 25.45 -9.43
N CYS B 2 0.12 24.28 -10.07
CA CYS B 2 0.02 23.03 -9.32
C CYS B 2 1.21 22.94 -8.38
N SER B 3 2.23 23.76 -8.64
CA SER B 3 3.44 23.79 -7.81
C SER B 3 3.17 24.60 -6.55
N LEU B 4 2.08 25.36 -6.58
CA LEU B 4 1.67 26.20 -5.47
C LEU B 4 0.55 25.52 -4.69
N ASP B 5 0.88 24.96 -3.54
CA ASP B 5 -0.10 24.29 -2.69
C ASP B 5 -1.04 23.40 -3.50
N ASN B 6 -0.47 22.64 -4.42
CA ASN B 6 -1.23 21.72 -5.27
C ASN B 6 -2.36 22.41 -6.06
N GLY B 7 -2.13 23.68 -6.39
CA GLY B 7 -3.11 24.44 -7.14
C GLY B 7 -4.44 24.58 -6.42
N ASP B 8 -4.41 24.40 -5.11
CA ASP B 8 -5.60 24.49 -4.27
C ASP B 8 -6.56 23.33 -4.54
N CYS B 9 -6.04 22.29 -5.17
CA CYS B 9 -6.84 21.10 -5.47
C CYS B 9 -6.88 20.18 -4.26
N ASP B 10 -7.96 19.42 -4.16
CA ASP B 10 -8.12 18.45 -3.09
C ASP B 10 -7.22 17.25 -3.40
N GLN B 11 -7.22 16.82 -4.65
CA GLN B 11 -6.43 15.67 -5.06
C GLN B 11 -5.52 15.92 -6.26
N PHE B 12 -5.79 15.26 -7.38
CA PHE B 12 -4.95 15.42 -8.57
C PHE B 12 -5.00 16.84 -9.10
N CYS B 13 -3.86 17.32 -9.60
CA CYS B 13 -3.77 18.66 -10.15
C CYS B 13 -3.05 18.61 -11.49
N HIS B 14 -3.68 19.16 -12.52
CA HIS B 14 -3.10 19.22 -13.85
C HIS B 14 -3.05 20.67 -14.30
N GLU B 15 -2.31 20.93 -15.37
CA GLU B 15 -2.21 22.28 -15.92
C GLU B 15 -2.53 22.18 -17.41
N GLU B 16 -3.80 22.40 -17.75
CA GLU B 16 -4.27 22.33 -19.13
C GLU B 16 -4.22 23.71 -19.76
N GLN B 17 -3.42 23.86 -20.81
CA GLN B 17 -3.30 25.15 -21.48
C GLN B 17 -2.93 26.14 -20.38
N ASN B 18 -2.00 25.72 -19.53
CA ASN B 18 -1.58 26.52 -18.39
C ASN B 18 -2.81 26.63 -17.51
N SER B 19 -2.66 27.16 -16.30
CA SER B 19 -3.79 27.28 -15.38
C SER B 19 -4.15 25.91 -14.79
N VAL B 20 -4.48 25.91 -13.50
CA VAL B 20 -4.83 24.70 -12.77
C VAL B 20 -6.10 23.99 -13.17
N VAL B 21 -6.03 22.66 -13.22
CA VAL B 21 -7.19 21.83 -13.52
C VAL B 21 -7.14 20.72 -12.47
N CYS B 22 -8.20 20.60 -11.66
CA CYS B 22 -8.22 19.57 -10.62
C CYS B 22 -9.09 18.38 -11.01
N SER B 23 -8.72 17.21 -10.49
CA SER B 23 -9.48 16.00 -10.73
C SER B 23 -9.49 15.19 -9.43
N CYS B 24 -10.29 14.12 -9.42
CA CYS B 24 -10.44 13.27 -8.24
C CYS B 24 -10.36 11.80 -8.61
N ALA B 25 -10.03 10.96 -7.62
CA ALA B 25 -9.95 9.52 -7.82
C ALA B 25 -11.36 8.96 -8.01
N ARG B 26 -11.44 7.70 -8.45
CA ARG B 26 -12.74 7.07 -8.65
C ARG B 26 -13.44 7.01 -7.31
N GLY B 27 -14.73 7.30 -7.30
CA GLY B 27 -15.49 7.28 -6.07
C GLY B 27 -15.73 8.67 -5.53
N TYR B 28 -15.15 9.67 -6.18
CA TYR B 28 -15.35 11.07 -5.80
C TYR B 28 -15.82 11.81 -7.03
N THR B 29 -16.54 12.90 -6.81
CA THR B 29 -17.01 13.74 -7.91
C THR B 29 -16.41 15.12 -7.63
N LEU B 30 -16.00 15.83 -8.68
CA LEU B 30 -15.41 17.15 -8.49
C LEU B 30 -16.52 18.10 -8.07
N ALA B 31 -16.24 18.93 -7.08
CA ALA B 31 -17.22 19.88 -6.58
C ALA B 31 -17.44 21.01 -7.56
N ASP B 32 -18.49 21.80 -7.33
CA ASP B 32 -18.81 22.92 -8.20
C ASP B 32 -17.66 23.90 -8.31
N ASN B 33 -16.90 24.09 -7.23
CA ASN B 33 -15.78 25.04 -7.31
C ASN B 33 -14.63 24.43 -8.10
N GLY B 34 -14.82 23.19 -8.55
CA GLY B 34 -13.81 22.51 -9.34
C GLY B 34 -12.47 22.25 -8.65
N LYS B 35 -12.50 22.16 -7.32
CA LYS B 35 -11.27 21.92 -6.57
C LYS B 35 -11.47 20.77 -5.59
N ALA B 36 -12.56 20.83 -4.85
CA ALA B 36 -12.88 19.83 -3.86
C ALA B 36 -13.36 18.52 -4.48
N CYS B 37 -13.08 17.44 -3.78
CA CYS B 37 -13.50 16.12 -4.22
C CYS B 37 -14.54 15.66 -3.22
N ILE B 38 -15.73 15.37 -3.73
CA ILE B 38 -16.84 14.94 -2.89
C ILE B 38 -17.07 13.44 -2.97
N PRO B 39 -16.99 12.76 -1.83
CA PRO B 39 -17.19 11.31 -1.77
C PRO B 39 -18.56 10.98 -2.35
N THR B 40 -18.63 9.86 -3.08
CA THR B 40 -19.88 9.42 -3.70
C THR B 40 -20.61 8.37 -2.87
N GLY B 41 -19.86 7.62 -2.05
CA GLY B 41 -20.47 6.60 -1.23
C GLY B 41 -20.00 6.65 0.21
N PRO B 42 -20.45 5.71 1.05
CA PRO B 42 -20.12 5.60 2.48
C PRO B 42 -18.67 5.27 2.75
N TYR B 43 -17.98 4.69 1.76
CA TYR B 43 -16.58 4.31 1.92
C TYR B 43 -15.69 4.72 0.76
N PRO B 44 -15.44 6.02 0.61
CA PRO B 44 -14.58 6.47 -0.49
C PRO B 44 -13.15 5.99 -0.26
N CYS B 45 -12.40 5.75 -1.33
CA CYS B 45 -11.03 5.27 -1.18
C CYS B 45 -10.19 6.29 -0.42
N GLY B 46 -9.19 5.80 0.28
CA GLY B 46 -8.29 6.68 1.01
C GLY B 46 -8.78 7.30 2.29
N LYS B 47 -10.01 7.03 2.70
CA LYS B 47 -10.53 7.59 3.95
C LYS B 47 -10.60 6.54 5.05
N GLN B 48 -9.98 6.83 6.18
CA GLN B 48 -10.02 5.92 7.31
C GLN B 48 -11.49 5.85 7.68
N THR B 49 -11.94 4.71 8.19
CA THR B 49 -13.34 4.56 8.54
C THR B 49 -13.67 4.95 9.99
N LEU B 50 -14.77 5.66 10.15
CA LEU B 50 -15.24 6.10 11.47
C LEU B 50 -16.70 5.68 11.60
N GLU B 51 -17.09 4.70 10.79
CA GLU B 51 -18.47 4.17 10.75
C GLU B 51 -19.17 4.14 12.10
#